data_5CL5
#
_entry.id   5CL5
#
_cell.length_a   38.341
_cell.length_b   93.400
_cell.length_c   48.117
_cell.angle_alpha   90.000
_cell.angle_beta   112.850
_cell.angle_gamma   90.000
#
_symmetry.space_group_name_H-M   'P 1 21 1'
#
loop_
_entity.id
_entity.type
_entity.pdbx_description
1 polymer AlkD
2 polymer "DNA (5'-D(*CP*CP*CP*GP*AP*(DZM)P*AP*GP*TP*CP*CP*G)-3')"
3 polymer "DNA (5'-D(*CP*GP*GP*AP*CP*TP*TP*TP*CP*GP*GP*G)-3')"
4 non-polymer 7-methyl-3H-imidazo[4,5-c]pyridin-4-amine
5 water water
#
loop_
_entity_poly.entity_id
_entity_poly.type
_entity_poly.pdbx_seq_one_letter_code
_entity_poly.pdbx_strand_id
1 'polypeptide(L)'
;GPVPMHPFVKALQEHFTAHQNPEKAEPMARYMKNHFLFLGIQTPERRQLLKDIIQIHTLPDQKDFQIIIRELWDLPEREF
QAAALDIMQKYKKHINETHIPFLEELIVTKSWWDSVDSIVPTFLGDIFLKHPELISAYIPKWIASDNIWLQRAAILFQLK
YKQKMDEELLFWIIGQLHSSKEFFIQKAIGWVLREYAKTNPDVVWEYVQNNELAPLSKREAIKHIKQNYGINNEKIGETL
S
;
A
2 'polydeoxyribonucleotide' (DC)(DC)(DC)(DG)(DA)(DZM)(DA)(DG)(DT)(DC)(DC)(DG) B
3 'polydeoxyribonucleotide' (DC)(DG)(DG)(DA)(DC)(DT)(DT)(DT)(DC)(DG)(DG)(DG) C
#
loop_
_chem_comp.id
_chem_comp.type
_chem_comp.name
_chem_comp.formula
54K non-polymer 7-methyl-3H-imidazo[4,5-c]pyridin-4-amine 'C7 H8 N4'
DA DNA linking 2'-DEOXYADENOSINE-5'-MONOPHOSPHATE 'C10 H14 N5 O6 P'
DC DNA linking 2'-DEOXYCYTIDINE-5'-MONOPHOSPHATE 'C9 H14 N3 O7 P'
DG DNA linking 2'-DEOXYGUANOSINE-5'-MONOPHOSPHATE 'C10 H14 N5 O7 P'
DT DNA linking THYMIDINE-5'-MONOPHOSPHATE 'C10 H15 N2 O8 P'
DZM DNA linking 3-deaza-3-methyladenine 'C12 H17 N4 O6 P'
ORP saccharide 2-DEOXY-5-PHOSPHONO-RIBOSE 'C5 H11 O7 P'
#
# COMPACT_ATOMS: atom_id res chain seq x y z
N VAL A 3 -21.48 -20.44 10.47
CA VAL A 3 -20.91 -19.67 11.56
C VAL A 3 -21.12 -18.18 11.35
N PRO A 4 -21.75 -17.51 12.33
CA PRO A 4 -22.05 -16.09 12.18
C PRO A 4 -20.80 -15.21 12.11
N MET A 5 -20.94 -14.11 11.39
CA MET A 5 -19.98 -13.02 11.36
C MET A 5 -19.49 -12.68 12.78
N HIS A 6 -18.21 -12.35 12.92
CA HIS A 6 -17.69 -11.96 14.23
C HIS A 6 -18.50 -10.76 14.76
N PRO A 7 -18.92 -10.80 16.03
CA PRO A 7 -19.76 -9.72 16.55
C PRO A 7 -19.14 -8.32 16.43
N PHE A 8 -17.82 -8.24 16.46
CA PHE A 8 -17.17 -6.96 16.32
C PHE A 8 -17.41 -6.42 14.91
N VAL A 9 -17.23 -7.29 13.92
CA VAL A 9 -17.45 -6.94 12.54
C VAL A 9 -18.93 -6.59 12.30
N LYS A 10 -19.84 -7.39 12.84
CA LYS A 10 -21.27 -7.11 12.70
C LYS A 10 -21.61 -5.74 13.27
N ALA A 11 -21.04 -5.41 14.42
CA ALA A 11 -21.28 -4.12 15.07
C ALA A 11 -20.75 -2.98 14.21
N LEU A 12 -19.57 -3.18 13.65
CA LEU A 12 -18.97 -2.17 12.81
C LEU A 12 -19.81 -1.95 11.55
N GLN A 13 -20.28 -3.06 10.97
CA GLN A 13 -21.11 -2.97 9.78
C GLN A 13 -22.40 -2.20 10.07
N GLU A 14 -23.01 -2.46 11.21
CA GLU A 14 -24.27 -1.79 11.57
C GLU A 14 -24.04 -0.29 11.75
N HIS A 15 -22.98 0.05 12.44
CA HIS A 15 -22.71 1.43 12.83
C HIS A 15 -22.29 2.26 11.62
N PHE A 16 -21.45 1.69 10.75
CA PHE A 16 -21.09 2.37 9.51
C PHE A 16 -22.32 2.59 8.64
N THR A 17 -23.12 1.55 8.47
CA THR A 17 -24.26 1.63 7.57
C THR A 17 -25.26 2.68 8.03
N ALA A 18 -25.38 2.86 9.35
CA ALA A 18 -26.32 3.83 9.90
C ALA A 18 -25.90 5.27 9.63
N HIS A 19 -24.64 5.45 9.24
CA HIS A 19 -24.11 6.77 8.92
C HIS A 19 -23.69 6.90 7.46
N GLN A 20 -24.27 6.07 6.60
CA GLN A 20 -23.91 6.12 5.19
C GLN A 20 -24.42 7.41 4.53
N ASN A 21 -23.75 7.81 3.48
CA ASN A 21 -24.06 9.04 2.78
C ASN A 21 -24.03 8.74 1.28
N PRO A 22 -25.18 8.41 0.68
CA PRO A 22 -25.20 7.98 -0.73
C PRO A 22 -24.76 9.10 -1.67
N GLU A 23 -24.98 10.35 -1.26
CA GLU A 23 -24.58 11.49 -2.07
C GLU A 23 -23.06 11.57 -2.20
N LYS A 24 -22.36 11.37 -1.08
CA LYS A 24 -20.90 11.34 -1.10
C LYS A 24 -20.37 10.07 -1.73
N ALA A 25 -21.13 8.98 -1.59
CA ALA A 25 -20.65 7.68 -2.06
C ALA A 25 -20.41 7.69 -3.57
N GLU A 26 -21.23 8.45 -4.31
CA GLU A 26 -21.10 8.45 -5.78
C GLU A 26 -19.73 9.00 -6.23
N PRO A 27 -19.36 10.23 -5.82
CA PRO A 27 -18.02 10.68 -6.23
C PRO A 27 -16.89 9.86 -5.63
N MET A 28 -17.06 9.34 -4.42
CA MET A 28 -16.01 8.54 -3.81
C MET A 28 -15.78 7.29 -4.64
N ALA A 29 -16.85 6.69 -5.13
CA ALA A 29 -16.70 5.48 -5.94
C ALA A 29 -16.08 5.79 -7.30
N ARG A 30 -16.45 6.93 -7.89
CA ARG A 30 -15.90 7.37 -9.17
C ARG A 30 -14.39 7.60 -9.08
N TYR A 31 -13.92 8.06 -7.93
CA TYR A 31 -12.50 8.35 -7.72
C TYR A 31 -11.65 7.08 -7.82
N MET A 32 -12.24 5.97 -7.40
CA MET A 32 -11.61 4.64 -7.51
C MET A 32 -12.07 3.91 -8.76
N LYS A 33 -12.50 4.67 -9.76
CA LYS A 33 -12.88 4.15 -11.07
C LYS A 33 -13.96 3.09 -10.98
N ASN A 34 -14.84 3.27 -9.99
CA ASN A 34 -15.99 2.41 -9.78
C ASN A 34 -15.65 0.92 -9.63
N HIS A 35 -14.47 0.62 -9.11
CA HIS A 35 -14.14 -0.76 -8.80
C HIS A 35 -14.81 -1.25 -7.53
N PHE A 36 -15.27 -0.30 -6.70
CA PHE A 36 -15.87 -0.64 -5.41
C PHE A 36 -17.14 0.13 -5.12
N LEU A 37 -18.06 -0.52 -4.42
CA LEU A 37 -19.12 0.20 -3.76
C LEU A 37 -18.56 0.99 -2.57
N PHE A 38 -19.16 2.14 -2.28
CA PHE A 38 -18.82 2.94 -1.10
C PHE A 38 -20.08 3.23 -0.30
N LEU A 39 -19.93 3.31 1.02
CA LEU A 39 -21.01 3.83 1.88
C LEU A 39 -21.08 5.34 1.83
N GLY A 40 -19.93 5.98 1.59
CA GLY A 40 -19.85 7.43 1.52
C GLY A 40 -19.35 8.09 2.79
N ILE A 41 -18.50 7.38 3.51
CA ILE A 41 -18.00 7.86 4.80
C ILE A 41 -16.51 8.18 4.65
N GLN A 42 -16.15 9.44 4.87
CA GLN A 42 -14.75 9.83 4.74
C GLN A 42 -13.97 9.51 6.01
N THR A 43 -12.65 9.65 5.93
CA THR A 43 -11.77 9.10 6.96
C THR A 43 -11.99 9.65 8.37
N PRO A 44 -12.19 10.97 8.53
CA PRO A 44 -12.36 11.40 9.93
C PRO A 44 -13.55 10.75 10.63
N GLU A 45 -14.70 10.69 9.95
CA GLU A 45 -15.85 10.06 10.56
C GLU A 45 -15.65 8.55 10.67
N ARG A 46 -15.05 7.94 9.64
CA ARG A 46 -14.88 6.49 9.66
C ARG A 46 -14.04 6.06 10.84
N ARG A 47 -13.00 6.84 11.14
CA ARG A 47 -12.13 6.57 12.28
C ARG A 47 -12.91 6.69 13.59
N GLN A 48 -13.77 7.70 13.69
CA GLN A 48 -14.56 7.87 14.92
C GLN A 48 -15.56 6.74 15.10
N LEU A 49 -16.18 6.31 14.00
CA LEU A 49 -17.16 5.23 14.10
C LEU A 49 -16.48 3.94 14.54
N LEU A 50 -15.26 3.71 14.07
CA LEU A 50 -14.49 2.54 14.53
C LEU A 50 -14.18 2.68 16.02
N LYS A 51 -13.76 3.87 16.41
CA LYS A 51 -13.44 4.14 17.81
C LYS A 51 -14.65 3.92 18.70
N ASP A 52 -15.82 4.29 18.21
CA ASP A 52 -17.06 4.06 18.95
C ASP A 52 -17.24 2.57 19.29
N ILE A 53 -17.00 1.74 18.29
CA ILE A 53 -17.21 0.31 18.43
C ILE A 53 -16.13 -0.31 19.32
N ILE A 54 -14.89 0.15 19.20
CA ILE A 54 -13.86 -0.31 20.12
C ILE A 54 -14.18 0.09 21.57
N GLN A 55 -14.72 1.30 21.76
CA GLN A 55 -15.08 1.75 23.11
C GLN A 55 -16.17 0.89 23.73
N ILE A 56 -17.13 0.46 22.92
CA ILE A 56 -18.26 -0.33 23.42
C ILE A 56 -17.89 -1.79 23.62
N HIS A 57 -17.18 -2.36 22.65
CA HIS A 57 -16.99 -3.81 22.61
C HIS A 57 -15.60 -4.28 23.02
N THR A 58 -14.65 -3.34 23.05
CA THR A 58 -13.21 -3.59 23.16
C THR A 58 -12.67 -4.23 21.88
N LEU A 59 -11.40 -3.98 21.62
CA LEU A 59 -10.72 -4.63 20.51
C LEU A 59 -10.69 -6.13 20.76
N PRO A 60 -11.08 -6.93 19.77
CA PRO A 60 -11.07 -8.39 19.91
C PRO A 60 -9.70 -8.94 20.30
N ASP A 61 -9.70 -10.09 20.97
CA ASP A 61 -8.47 -10.80 21.30
C ASP A 61 -7.66 -11.03 20.03
N GLN A 62 -6.33 -10.97 20.15
CA GLN A 62 -5.46 -11.11 18.99
C GLN A 62 -5.68 -12.42 18.24
N LYS A 63 -6.19 -13.45 18.92
CA LYS A 63 -6.46 -14.73 18.27
C LYS A 63 -7.43 -14.56 17.09
N ASP A 64 -8.20 -13.48 17.09
CA ASP A 64 -9.21 -13.22 16.06
C ASP A 64 -8.78 -12.12 15.08
N PHE A 65 -7.55 -11.63 15.20
CA PHE A 65 -7.08 -10.50 14.39
C PHE A 65 -7.26 -10.79 12.88
N GLN A 66 -6.64 -11.86 12.39
CA GLN A 66 -6.71 -12.19 10.97
C GLN A 66 -8.13 -12.47 10.51
N ILE A 67 -8.93 -13.07 11.39
CA ILE A 67 -10.31 -13.40 11.09
C ILE A 67 -11.10 -12.10 10.85
N ILE A 68 -10.92 -11.13 11.75
CA ILE A 68 -11.59 -9.83 11.60
C ILE A 68 -11.23 -9.13 10.31
N ILE A 69 -9.94 -9.11 9.99
CA ILE A 69 -9.49 -8.48 8.78
C ILE A 69 -10.09 -9.13 7.53
N ARG A 70 -10.06 -10.46 7.47
CA ARG A 70 -10.63 -11.18 6.34
C ARG A 70 -12.12 -10.89 6.17
N GLU A 71 -12.86 -10.87 7.28
CA GLU A 71 -14.31 -10.66 7.19
C GLU A 71 -14.62 -9.26 6.69
N LEU A 72 -13.87 -8.28 7.17
CA LEU A 72 -14.01 -6.92 6.65
C LEU A 72 -13.59 -6.84 5.19
N TRP A 73 -12.54 -7.56 4.81
CA TRP A 73 -12.09 -7.54 3.43
C TRP A 73 -13.16 -8.07 2.49
N ASP A 74 -13.97 -9.01 2.97
CA ASP A 74 -14.99 -9.66 2.14
C ASP A 74 -16.28 -8.83 2.02
N LEU A 75 -16.41 -7.79 2.83
CA LEU A 75 -17.58 -6.94 2.73
C LEU A 75 -17.48 -6.04 1.50
N PRO A 76 -18.62 -5.67 0.91
CA PRO A 76 -18.59 -5.01 -0.40
C PRO A 76 -18.08 -3.58 -0.37
N GLU A 77 -18.44 -2.80 0.65
CA GLU A 77 -18.11 -1.38 0.60
C GLU A 77 -16.67 -1.10 1.01
N ARG A 78 -16.03 -0.18 0.28
CA ARG A 78 -14.59 0.04 0.44
C ARG A 78 -14.22 0.52 1.84
N GLU A 79 -15.13 1.21 2.54
CA GLU A 79 -14.82 1.66 3.89
C GLU A 79 -14.46 0.51 4.83
N PHE A 80 -14.95 -0.69 4.53
CA PHE A 80 -14.65 -1.82 5.41
C PHE A 80 -13.22 -2.30 5.21
N GLN A 81 -12.65 -2.15 4.02
CA GLN A 81 -11.23 -2.47 3.86
C GLN A 81 -10.38 -1.37 4.49
N ALA A 82 -10.83 -0.11 4.40
CA ALA A 82 -10.10 0.98 5.04
C ALA A 82 -10.09 0.78 6.55
N ALA A 83 -11.23 0.37 7.10
CA ALA A 83 -11.30 0.14 8.54
C ALA A 83 -10.47 -1.07 8.93
N ALA A 84 -10.43 -2.07 8.06
CA ALA A 84 -9.60 -3.24 8.32
C ALA A 84 -8.13 -2.85 8.48
N LEU A 85 -7.66 -1.93 7.64
CA LEU A 85 -6.27 -1.48 7.74
C LEU A 85 -6.05 -0.66 9.01
N ASP A 86 -7.03 0.14 9.41
CA ASP A 86 -6.96 0.84 10.69
C ASP A 86 -6.84 -0.16 11.83
N ILE A 87 -7.61 -1.25 11.74
CA ILE A 87 -7.61 -2.26 12.79
C ILE A 87 -6.29 -3.02 12.81
N MET A 88 -5.76 -3.31 11.63
CA MET A 88 -4.48 -4.01 11.56
C MET A 88 -3.39 -3.20 12.26
N GLN A 89 -3.43 -1.88 12.12
CA GLN A 89 -2.45 -1.02 12.79
C GLN A 89 -2.53 -1.16 14.32
N LYS A 90 -3.74 -1.41 14.83
CA LYS A 90 -3.91 -1.60 16.27
C LYS A 90 -3.31 -2.92 16.77
N TYR A 91 -3.06 -3.85 15.87
CA TYR A 91 -2.43 -5.13 16.21
C TYR A 91 -0.97 -5.17 15.76
N LYS A 92 -0.43 -4.01 15.41
CA LYS A 92 0.92 -3.87 14.87
C LYS A 92 1.98 -4.67 15.62
N LYS A 93 1.94 -4.63 16.95
CA LYS A 93 3.02 -5.24 17.74
C LYS A 93 2.93 -6.76 17.72
N HIS A 94 1.91 -7.30 17.07
CA HIS A 94 1.70 -8.73 16.98
C HIS A 94 2.05 -9.30 15.61
N ILE A 95 2.38 -8.40 14.69
CA ILE A 95 2.65 -8.75 13.29
C ILE A 95 4.13 -8.96 13.08
N ASN A 96 4.49 -10.05 12.42
CA ASN A 96 5.89 -10.39 12.26
C ASN A 96 6.12 -11.06 10.90
N GLU A 97 7.29 -11.66 10.71
CA GLU A 97 7.62 -12.19 9.39
C GLU A 97 6.69 -13.34 8.97
N THR A 98 6.05 -14.01 9.93
CA THR A 98 5.19 -15.13 9.59
C THR A 98 3.91 -14.65 8.91
N HIS A 99 3.64 -13.34 9.01
CA HIS A 99 2.46 -12.75 8.37
C HIS A 99 2.67 -12.30 6.94
N ILE A 100 3.82 -12.58 6.35
CA ILE A 100 4.00 -12.11 4.97
C ILE A 100 2.98 -12.73 4.00
N PRO A 101 2.73 -14.07 4.05
CA PRO A 101 1.72 -14.60 3.13
C PRO A 101 0.33 -14.00 3.37
N PHE A 102 -0.03 -13.76 4.64
CA PHE A 102 -1.30 -13.11 4.96
C PHE A 102 -1.38 -11.72 4.31
N LEU A 103 -0.29 -10.97 4.35
CA LEU A 103 -0.28 -9.63 3.76
C LEU A 103 -0.29 -9.70 2.23
N GLU A 104 0.44 -10.65 1.66
CA GLU A 104 0.34 -10.93 0.22
C GLU A 104 -1.09 -11.12 -0.23
N GLU A 105 -1.83 -11.92 0.51
CA GLU A 105 -3.20 -12.22 0.12
C GLU A 105 -4.09 -10.98 0.19
N LEU A 106 -3.84 -10.10 1.16
CA LEU A 106 -4.56 -8.83 1.20
C LEU A 106 -4.21 -7.97 -0.01
N ILE A 107 -2.95 -7.98 -0.43
CA ILE A 107 -2.53 -7.18 -1.56
C ILE A 107 -3.27 -7.57 -2.84
N VAL A 108 -3.46 -8.88 -3.07
CA VAL A 108 -4.00 -9.36 -4.33
C VAL A 108 -5.52 -9.60 -4.30
N THR A 109 -6.17 -9.23 -3.21
CA THR A 109 -7.63 -9.32 -3.15
C THR A 109 -8.22 -7.92 -2.92
N LYS A 110 -9.31 -7.60 -3.63
CA LYS A 110 -9.90 -6.24 -3.58
C LYS A 110 -8.80 -5.20 -3.84
N SER A 111 -7.96 -5.43 -4.85
CA SER A 111 -6.75 -4.64 -5.04
C SER A 111 -7.00 -3.31 -5.70
N TRP A 112 -6.38 -2.27 -5.13
CA TRP A 112 -6.30 -0.98 -5.81
C TRP A 112 -5.22 -0.19 -5.08
N TRP A 113 -4.91 1.02 -5.55
CA TRP A 113 -3.76 1.75 -4.98
C TRP A 113 -4.01 2.14 -3.52
N ASP A 114 -5.27 2.34 -3.14
CA ASP A 114 -5.54 2.79 -1.78
C ASP A 114 -5.20 1.70 -0.75
N SER A 115 -5.60 0.46 -1.02
CA SER A 115 -5.28 -0.60 -0.07
C SER A 115 -3.81 -0.99 -0.18
N VAL A 116 -3.31 -1.16 -1.40
CA VAL A 116 -1.94 -1.65 -1.56
C VAL A 116 -0.93 -0.65 -0.98
N ASP A 117 -1.17 0.64 -1.16
CA ASP A 117 -0.21 1.64 -0.64
C ASP A 117 -0.25 1.72 0.88
N SER A 118 -1.35 1.27 1.49
CA SER A 118 -1.48 1.27 2.95
C SER A 118 -0.92 -0.02 3.56
N ILE A 119 -0.69 -1.03 2.74
CA ILE A 119 -0.12 -2.28 3.24
C ILE A 119 1.39 -2.32 3.10
N VAL A 120 1.90 -1.82 1.97
CA VAL A 120 3.25 -2.17 1.54
C VAL A 120 4.39 -1.39 2.24
N PRO A 121 4.40 -0.04 2.18
CA PRO A 121 5.58 0.64 2.73
C PRO A 121 5.64 0.61 4.25
N THR A 122 4.49 0.33 4.87
CA THR A 122 4.42 0.29 6.33
C THR A 122 4.55 -1.13 6.88
N PHE A 123 3.54 -1.96 6.66
CA PHE A 123 3.57 -3.30 7.25
C PHE A 123 4.66 -4.18 6.64
N LEU A 124 4.70 -4.26 5.32
CA LEU A 124 5.74 -5.08 4.71
C LEU A 124 7.11 -4.42 4.84
N GLY A 125 7.15 -3.10 4.69
CA GLY A 125 8.39 -2.37 4.85
C GLY A 125 9.04 -2.66 6.21
N ASP A 126 8.23 -2.65 7.27
CA ASP A 126 8.79 -2.85 8.60
C ASP A 126 9.32 -4.28 8.75
N ILE A 127 8.58 -5.23 8.18
CA ILE A 127 8.97 -6.64 8.28
C ILE A 127 10.29 -6.88 7.59
N PHE A 128 10.45 -6.37 6.37
CA PHE A 128 11.69 -6.62 5.62
C PHE A 128 12.86 -5.79 6.15
N LEU A 129 12.58 -4.74 6.92
CA LEU A 129 13.65 -3.96 7.53
C LEU A 129 14.27 -4.79 8.64
N LYS A 130 13.42 -5.49 9.39
CA LYS A 130 13.88 -6.34 10.48
C LYS A 130 14.43 -7.68 9.97
N HIS A 131 13.90 -8.15 8.84
CA HIS A 131 14.29 -9.46 8.28
C HIS A 131 14.68 -9.34 6.81
N PRO A 132 15.78 -8.64 6.53
CA PRO A 132 16.15 -8.40 5.13
C PRO A 132 16.53 -9.68 4.40
N GLU A 133 16.86 -10.72 5.14
CA GLU A 133 17.25 -11.99 4.53
C GLU A 133 16.05 -12.69 3.91
N LEU A 134 14.84 -12.23 4.23
CA LEU A 134 13.63 -12.80 3.63
C LEU A 134 13.20 -12.13 2.34
N ILE A 135 13.83 -11.01 1.99
CA ILE A 135 13.43 -10.29 0.78
C ILE A 135 13.52 -11.19 -0.46
N SER A 136 14.61 -11.96 -0.56
CA SER A 136 14.79 -12.80 -1.73
C SER A 136 13.88 -14.05 -1.74
N ALA A 137 13.13 -14.28 -0.67
CA ALA A 137 12.13 -15.33 -0.67
C ALA A 137 10.81 -14.87 -1.30
N TYR A 138 10.70 -13.57 -1.57
CA TYR A 138 9.43 -13.02 -2.04
C TYR A 138 9.55 -12.11 -3.25
N ILE A 139 10.53 -11.22 -3.24
CA ILE A 139 10.59 -10.17 -4.26
C ILE A 139 10.76 -10.75 -5.68
N PRO A 140 11.60 -11.78 -5.86
CA PRO A 140 11.66 -12.30 -7.23
C PRO A 140 10.31 -12.88 -7.73
N LYS A 141 9.55 -13.56 -6.87
CA LYS A 141 8.25 -14.08 -7.25
C LYS A 141 7.28 -12.95 -7.61
N TRP A 142 7.33 -11.88 -6.82
CA TRP A 142 6.41 -10.77 -7.02
C TRP A 142 6.66 -10.10 -8.36
N ILE A 143 7.93 -9.90 -8.69
CA ILE A 143 8.29 -9.28 -9.96
C ILE A 143 7.86 -10.13 -11.14
N ALA A 144 7.99 -11.45 -10.99
CA ALA A 144 7.70 -12.38 -12.08
C ALA A 144 6.21 -12.66 -12.22
N SER A 145 5.43 -12.25 -11.23
CA SER A 145 4.02 -12.58 -11.24
CA SER A 145 3.99 -12.50 -11.17
C SER A 145 3.24 -11.76 -12.28
N ASP A 146 2.03 -12.21 -12.57
CA ASP A 146 1.16 -11.48 -13.50
C ASP A 146 0.49 -10.30 -12.80
N ASN A 147 0.72 -10.18 -11.50
CA ASN A 147 -0.07 -9.28 -10.68
C ASN A 147 0.63 -7.93 -10.48
N ILE A 148 0.04 -6.85 -11.00
CA ILE A 148 0.74 -5.58 -10.97
C ILE A 148 0.87 -5.03 -9.55
N TRP A 149 0.00 -5.48 -8.65
CA TRP A 149 0.05 -5.00 -7.27
C TRP A 149 1.18 -5.66 -6.50
N LEU A 150 1.50 -6.91 -6.80
CA LEU A 150 2.72 -7.52 -6.24
C LEU A 150 3.95 -6.87 -6.83
N GLN A 151 3.89 -6.49 -8.10
CA GLN A 151 5.03 -5.78 -8.69
C GLN A 151 5.22 -4.42 -8.02
N ARG A 152 4.11 -3.73 -7.81
CA ARG A 152 4.15 -2.45 -7.09
C ARG A 152 4.66 -2.64 -5.66
N ALA A 153 4.29 -3.74 -5.01
CA ALA A 153 4.80 -4.05 -3.67
C ALA A 153 6.33 -4.18 -3.67
N ALA A 154 6.86 -4.82 -4.70
CA ALA A 154 8.31 -5.00 -4.77
C ALA A 154 9.02 -3.66 -4.90
N ILE A 155 8.40 -2.73 -5.62
CA ILE A 155 8.97 -1.39 -5.80
C ILE A 155 8.86 -0.55 -4.52
N LEU A 156 7.71 -0.59 -3.86
CA LEU A 156 7.45 0.37 -2.79
C LEU A 156 7.75 -0.10 -1.37
N PHE A 157 8.15 -1.36 -1.14
CA PHE A 157 8.30 -1.77 0.25
C PHE A 157 9.45 -1.01 0.93
N GLN A 158 10.43 -0.54 0.16
CA GLN A 158 11.53 0.27 0.72
C GLN A 158 11.28 1.78 0.72
N LEU A 159 10.05 2.20 0.41
CA LEU A 159 9.75 3.61 0.21
C LEU A 159 10.26 4.52 1.33
N LYS A 160 10.08 4.07 2.57
CA LYS A 160 10.40 4.91 3.74
C LYS A 160 11.75 4.61 4.37
N TYR A 161 12.59 3.83 3.69
CA TYR A 161 13.81 3.33 4.31
C TYR A 161 14.88 4.39 4.53
N LYS A 162 14.83 5.47 3.74
CA LYS A 162 15.80 6.56 3.86
C LYS A 162 17.22 6.01 3.84
N GLN A 163 18.01 6.25 4.87
CA GLN A 163 19.41 5.81 4.83
C GLN A 163 19.56 4.30 4.90
N LYS A 164 18.46 3.58 5.18
CA LYS A 164 18.51 2.11 5.21
C LYS A 164 18.18 1.50 3.86
N MET A 165 17.96 2.35 2.85
CA MET A 165 17.68 1.87 1.51
C MET A 165 18.79 0.95 1.01
N ASP A 166 18.40 -0.19 0.44
CA ASP A 166 19.35 -1.04 -0.28
C ASP A 166 19.36 -0.54 -1.71
N GLU A 167 20.34 0.28 -2.06
CA GLU A 167 20.38 0.89 -3.39
C GLU A 167 20.50 -0.13 -4.51
N GLU A 168 21.44 -1.06 -4.37
CA GLU A 168 21.60 -2.08 -5.40
C GLU A 168 20.30 -2.84 -5.64
N LEU A 169 19.61 -3.19 -4.56
CA LEU A 169 18.34 -3.89 -4.70
C LEU A 169 17.28 -3.01 -5.35
N LEU A 170 17.16 -1.77 -4.89
CA LEU A 170 16.18 -0.86 -5.45
C LEU A 170 16.35 -0.73 -6.97
N PHE A 171 17.59 -0.52 -7.40
CA PHE A 171 17.79 -0.27 -8.81
C PHE A 171 17.65 -1.54 -9.62
N TRP A 172 17.95 -2.68 -9.01
CA TRP A 172 17.73 -3.96 -9.69
C TRP A 172 16.23 -4.18 -9.92
N ILE A 173 15.43 -3.94 -8.89
CA ILE A 173 13.98 -4.08 -9.00
C ILE A 173 13.43 -3.15 -10.08
N ILE A 174 13.87 -1.89 -10.05
CA ILE A 174 13.41 -0.94 -11.06
C ILE A 174 13.82 -1.40 -12.47
N GLY A 175 15.07 -1.86 -12.61
CA GLY A 175 15.50 -2.38 -13.91
C GLY A 175 14.61 -3.50 -14.42
N GLN A 176 14.13 -4.36 -13.52
CA GLN A 176 13.28 -5.47 -13.94
C GLN A 176 11.92 -5.00 -14.45
N LEU A 177 11.49 -3.83 -13.98
CA LEU A 177 10.12 -3.38 -14.25
C LEU A 177 10.06 -2.11 -15.11
N HIS A 178 11.20 -1.62 -15.57
CA HIS A 178 11.23 -0.32 -16.26
C HIS A 178 10.51 -0.31 -17.60
N SER A 179 10.29 -1.50 -18.17
CA SER A 179 9.66 -1.56 -19.48
C SER A 179 8.16 -1.74 -19.40
N SER A 180 7.65 -1.84 -18.17
CA SER A 180 6.22 -2.03 -18.00
C SER A 180 5.45 -0.85 -18.54
N LYS A 181 4.37 -1.14 -19.25
CA LYS A 181 3.48 -0.12 -19.78
C LYS A 181 2.38 0.23 -18.78
N GLU A 182 2.35 -0.44 -17.64
CA GLU A 182 1.33 -0.22 -16.62
CA GLU A 182 1.32 -0.22 -16.64
C GLU A 182 1.54 1.09 -15.85
N PHE A 183 0.54 1.95 -15.87
CA PHE A 183 0.61 3.19 -15.11
C PHE A 183 1.04 2.97 -13.66
N PHE A 184 0.41 2.03 -12.96
CA PHE A 184 0.70 1.88 -11.53
C PHE A 184 2.12 1.39 -11.24
N ILE A 185 2.78 0.82 -12.24
CA ILE A 185 4.18 0.43 -12.10
C ILE A 185 5.08 1.62 -12.43
N GLN A 186 4.82 2.29 -13.55
CA GLN A 186 5.61 3.48 -13.92
C GLN A 186 5.57 4.53 -12.82
N LYS A 187 4.39 4.74 -12.26
CA LYS A 187 4.22 5.76 -11.23
C LYS A 187 4.88 5.35 -9.92
N ALA A 188 4.81 4.06 -9.57
CA ALA A 188 5.48 3.59 -8.35
C ALA A 188 7.00 3.78 -8.46
N ILE A 189 7.54 3.52 -9.64
CA ILE A 189 8.98 3.72 -9.87
C ILE A 189 9.33 5.19 -9.68
N GLY A 190 8.50 6.08 -10.22
CA GLY A 190 8.73 7.50 -10.06
C GLY A 190 8.67 7.93 -8.61
N TRP A 191 7.69 7.41 -7.88
CA TRP A 191 7.51 7.74 -6.46
C TRP A 191 8.71 7.33 -5.62
N VAL A 192 9.12 6.07 -5.75
CA VAL A 192 10.19 5.59 -4.87
C VAL A 192 11.50 6.30 -5.21
N LEU A 193 11.72 6.64 -6.48
CA LEU A 193 12.90 7.42 -6.83
C LEU A 193 12.82 8.86 -6.31
N ARG A 194 11.66 9.49 -6.45
CA ARG A 194 11.46 10.84 -5.92
C ARG A 194 11.69 10.86 -4.40
N GLU A 195 11.18 9.85 -3.73
CA GLU A 195 11.28 9.80 -2.29
C GLU A 195 12.71 9.53 -1.88
N TYR A 196 13.35 8.57 -2.52
CA TYR A 196 14.73 8.28 -2.13
C TYR A 196 15.68 9.44 -2.45
N ALA A 197 15.33 10.25 -3.45
CA ALA A 197 16.15 11.42 -3.81
C ALA A 197 16.20 12.45 -2.69
N LYS A 198 15.25 12.37 -1.76
CA LYS A 198 15.26 13.23 -0.57
C LYS A 198 16.41 12.87 0.37
N THR A 199 16.89 11.65 0.24
CA THR A 199 17.98 11.13 1.05
C THR A 199 19.31 11.17 0.29
N ASN A 200 19.27 10.74 -0.98
CA ASN A 200 20.47 10.68 -1.80
C ASN A 200 20.18 11.17 -3.21
N PRO A 201 20.15 12.48 -3.40
CA PRO A 201 19.76 13.02 -4.71
C PRO A 201 20.77 12.70 -5.80
N ASP A 202 22.06 12.70 -5.48
CA ASP A 202 23.09 12.43 -6.49
C ASP A 202 22.91 11.05 -7.12
N VAL A 203 22.58 10.03 -6.32
CA VAL A 203 22.50 8.68 -6.85
CA VAL A 203 22.51 8.69 -6.89
C VAL A 203 21.26 8.53 -7.73
N VAL A 204 20.16 9.19 -7.33
CA VAL A 204 18.94 9.12 -8.12
C VAL A 204 19.14 9.88 -9.43
N TRP A 205 19.78 11.05 -9.37
CA TRP A 205 20.04 11.82 -10.58
C TRP A 205 20.87 11.00 -11.56
N GLU A 206 21.97 10.43 -11.08
CA GLU A 206 22.82 9.61 -11.95
C GLU A 206 22.01 8.46 -12.54
N TYR A 207 21.15 7.84 -11.74
CA TYR A 207 20.45 6.66 -12.23
C TYR A 207 19.52 7.06 -13.37
N VAL A 208 18.76 8.12 -13.18
CA VAL A 208 17.77 8.47 -14.18
C VAL A 208 18.38 9.06 -15.43
N GLN A 209 19.59 9.61 -15.34
CA GLN A 209 20.23 10.14 -16.54
C GLN A 209 20.92 9.04 -17.35
N ASN A 210 21.15 7.88 -16.73
CA ASN A 210 21.95 6.85 -17.39
C ASN A 210 21.29 5.47 -17.54
N ASN A 211 20.01 5.37 -17.20
CA ASN A 211 19.25 4.14 -17.33
C ASN A 211 17.88 4.41 -17.91
N GLU A 212 17.39 3.48 -18.72
CA GLU A 212 16.07 3.60 -19.36
C GLU A 212 14.94 3.61 -18.33
N LEU A 213 14.03 4.57 -18.50
CA LEU A 213 12.80 4.63 -17.70
C LEU A 213 11.67 5.13 -18.57
N ALA A 214 10.44 4.75 -18.22
CA ALA A 214 9.29 5.34 -18.87
C ALA A 214 9.30 6.85 -18.62
N PRO A 215 8.83 7.63 -19.60
CA PRO A 215 8.80 9.08 -19.41
C PRO A 215 8.14 9.51 -18.10
N LEU A 216 7.01 8.89 -17.75
CA LEU A 216 6.31 9.23 -16.51
C LEU A 216 7.21 9.00 -15.30
N SER A 217 7.92 7.87 -15.32
CA SER A 217 8.79 7.51 -14.20
C SER A 217 9.89 8.54 -14.00
N LYS A 218 10.53 8.92 -15.09
CA LYS A 218 11.65 9.86 -15.00
C LYS A 218 11.16 11.22 -14.53
N ARG A 219 10.08 11.70 -15.14
CA ARG A 219 9.55 13.01 -14.80
C ARG A 219 9.13 13.08 -13.33
N GLU A 220 8.49 12.02 -12.83
CA GLU A 220 8.12 12.02 -11.41
C GLU A 220 9.31 11.93 -10.47
N ALA A 221 10.33 11.18 -10.89
CA ALA A 221 11.53 11.01 -10.07
C ALA A 221 12.26 12.31 -9.82
N ILE A 222 12.31 13.17 -10.83
CA ILE A 222 13.14 14.38 -10.72
C ILE A 222 12.30 15.63 -10.55
N LYS A 223 11.02 15.45 -10.22
CA LYS A 223 10.09 16.58 -9.97
C LYS A 223 10.69 17.69 -9.11
N HIS A 224 11.42 17.29 -8.07
CA HIS A 224 12.06 18.24 -7.18
C HIS A 224 13.55 18.41 -7.48
N ILE A 225 14.29 17.33 -7.66
CA ILE A 225 15.74 17.49 -7.72
C ILE A 225 16.21 18.10 -9.03
N LYS A 226 15.33 18.22 -10.03
CA LYS A 226 15.75 18.91 -11.25
C LYS A 226 16.11 20.36 -10.95
N GLN A 227 15.57 20.91 -9.86
CA GLN A 227 15.92 22.26 -9.44
C GLN A 227 17.37 22.36 -8.98
N ASN A 228 17.88 21.27 -8.42
CA ASN A 228 19.22 21.26 -7.89
C ASN A 228 20.30 21.14 -8.97
N TYR A 229 19.93 20.49 -10.07
CA TYR A 229 20.91 20.20 -11.13
C TYR A 229 20.71 21.07 -12.35
N GLY A 230 19.49 21.54 -12.57
CA GLY A 230 19.23 22.36 -13.73
C GLY A 230 18.73 21.54 -14.90
N ILE A 231 18.10 22.21 -15.85
CA ILE A 231 17.55 21.58 -17.04
C ILE A 231 18.32 22.06 -18.28
N ASN A 232 19.22 21.22 -18.78
CA ASN A 232 20.06 21.59 -19.91
C ASN A 232 19.27 21.95 -21.16
N ASN A 233 19.77 22.92 -21.92
CA ASN A 233 19.19 23.24 -23.22
C ASN A 233 19.37 22.09 -24.20
P DZM B 6 2.85 10.68 -5.67
N1 DZM B 6 -5.01 12.87 -3.09
C2 DZM B 6 -5.08 11.69 -2.50
C3 DZM B 6 -4.12 10.73 -2.66
C4 DZM B 6 -3.01 11.00 -3.47
C5 DZM B 6 -2.95 12.27 -4.09
C6 DZM B 6 -3.99 13.19 -3.87
N6 DZM B 6 -3.93 14.44 -4.46
N7 DZM B 6 -1.81 12.33 -4.81
C8 DZM B 6 -1.15 11.13 -4.67
N9 DZM B 6 -1.87 10.32 -3.86
C1' DZM B 6 -1.44 8.96 -3.51
OP2 DZM B 6 2.46 12.00 -6.20
C2' DZM B 6 -1.91 7.96 -4.58
OP1 DZM B 6 3.95 10.05 -6.42
C3' DZM B 6 -0.67 7.89 -5.51
O3' DZM B 6 -0.57 6.68 -6.27
C3M DZM B 6 -4.29 9.43 -1.95
C4' DZM B 6 0.45 7.94 -4.45
O4' DZM B 6 0.00 8.94 -3.50
C5' DZM B 6 1.76 8.39 -5.09
O5' DZM B 6 1.56 9.73 -5.56
C1 ORP B 6 -1.36 7.52 -3.03
O1 ORP B 6 -1.31 6.24 -2.39
C2 ORP B 6 -1.88 7.43 -4.50
C3 ORP B 6 -0.63 7.65 -5.40
O3 ORP B 6 -0.49 6.54 -6.27
C4 ORP B 6 0.50 7.60 -4.35
O4 ORP B 6 -0.05 8.11 -3.12
C5 ORP B 6 1.75 8.37 -4.79
O5 ORP B 6 1.47 9.66 -5.34
P ORP B 6 2.74 10.59 -5.62
O1P ORP B 6 3.78 9.86 -6.37
O2P ORP B 6 2.35 11.87 -6.25
N1 54K D . -1.21 14.52 -5.17
C2 54K D . -0.96 13.23 -4.95
C3 54K D . -1.87 12.41 -4.36
C3M 54K D . -1.51 10.95 -4.14
C4 54K D . -3.10 12.91 -3.98
C5 54K D . -3.36 14.28 -4.23
C6 54K D . -2.38 15.08 -4.83
N6 54K D . -2.61 16.42 -5.07
N7 54K D . -4.60 14.52 -3.77
C8 54K D . -5.13 13.44 -3.28
N9 54K D . -4.24 12.41 -3.38
#